data_4G3W
#
_entry.id   4G3W
#
_cell.length_a   59.780
_cell.length_b   59.780
_cell.length_c   106.240
_cell.angle_alpha   90.00
_cell.angle_beta   90.00
_cell.angle_gamma   90.00
#
_symmetry.space_group_name_H-M   'P 43 21 2'
#
loop_
_entity.id
_entity.type
_entity.pdbx_description
1 polymer 'Transcriptional regulator nlh1'
2 water water
#
_entity_poly.entity_id   1
_entity_poly.type   'polypeptide(L)'
_entity_poly.pdbx_seq_one_letter_code
;MDLKVEIETLYEVSKILSSSLNLETTVPYIFRLLKKLMGFERLTLTIYDPSTDQIVVRATSSGKFPKEGFKKGEGITGKV
WKHGVPIVIPDISQEPEFLNKVWKRKKSKKKIAFIAVPIKSGGKVIGVLSADKEINEKDSLDEYTRFLSMIATLIANSFS
LERKVQAERKS
;
_entity_poly.pdbx_strand_id   A
#
# COMPACT_ATOMS: atom_id res chain seq x y z
N ASN A 22 -12.35 -13.51 -1.02
CA ASN A 22 -12.29 -13.36 0.43
C ASN A 22 -11.00 -12.72 0.95
N LEU A 23 -10.28 -12.01 0.09
CA LEU A 23 -9.20 -11.17 0.55
C LEU A 23 -9.78 -10.06 1.43
N GLU A 24 -11.09 -9.80 1.33
CA GLU A 24 -11.78 -8.80 2.16
C GLU A 24 -11.87 -9.23 3.62
N THR A 25 -11.57 -10.49 3.91
CA THR A 25 -11.70 -10.95 5.29
C THR A 25 -10.35 -11.40 5.83
N THR A 26 -9.56 -12.10 5.02
CA THR A 26 -8.23 -12.57 5.45
C THR A 26 -7.05 -11.54 5.46
N VAL A 27 -7.11 -10.51 4.61
CA VAL A 27 -6.09 -9.47 4.63
C VAL A 27 -6.30 -8.46 5.78
N PRO A 28 -7.58 -8.11 6.11
CA PRO A 28 -7.60 -7.23 7.30
C PRO A 28 -7.20 -7.90 8.62
N TYR A 29 -7.06 -9.22 8.67
CA TYR A 29 -6.47 -9.88 9.83
C TYR A 29 -4.96 -9.60 9.90
N ILE A 30 -4.31 -9.65 8.75
CA ILE A 30 -2.93 -9.27 8.63
C ILE A 30 -2.76 -7.78 8.97
N PHE A 31 -3.59 -6.92 8.40
CA PHE A 31 -3.45 -5.51 8.64
C PHE A 31 -3.61 -5.16 10.11
N ARG A 32 -4.55 -5.81 10.80
CA ARG A 32 -4.89 -5.46 12.20
C ARG A 32 -3.65 -5.70 13.07
N LEU A 33 -2.99 -6.80 12.76
CA LEU A 33 -1.84 -7.27 13.48
C LEU A 33 -0.63 -6.35 13.24
N LEU A 34 -0.37 -6.03 11.97
CA LEU A 34 0.64 -5.04 11.58
C LEU A 34 0.40 -3.65 12.20
N LYS A 35 -0.85 -3.19 12.30
CA LYS A 35 -1.16 -2.00 13.11
C LYS A 35 -0.79 -2.17 14.62
N LYS A 36 -1.22 -3.27 15.23
CA LYS A 36 -1.00 -3.46 16.67
C LYS A 36 0.48 -3.63 17.02
N LEU A 37 1.16 -4.50 16.28
CA LEU A 37 2.54 -4.88 16.61
C LEU A 37 3.65 -3.92 16.07
N MET A 38 3.32 -3.11 15.05
CA MET A 38 4.34 -2.37 14.29
C MET A 38 4.06 -0.90 13.96
N GLY A 39 2.89 -0.37 14.29
CA GLY A 39 2.65 1.06 14.14
C GLY A 39 2.41 1.54 12.72
N PHE A 40 2.24 0.58 11.79
CA PHE A 40 1.73 0.89 10.47
C PHE A 40 0.34 1.51 10.66
N GLU A 41 -0.06 2.36 9.71
CA GLU A 41 -1.39 2.96 9.66
C GLU A 41 -1.91 2.94 8.23
N ARG A 42 -3.23 3.06 8.05
CA ARG A 42 -3.79 3.21 6.70
C ARG A 42 -3.30 2.20 5.67
N LEU A 43 -3.13 0.96 6.09
CA LEU A 43 -2.76 -0.12 5.19
C LEU A 43 -3.78 -0.29 4.05
N THR A 44 -3.31 -0.30 2.80
CA THR A 44 -4.16 -0.36 1.60
C THR A 44 -3.68 -1.44 0.62
N LEU A 45 -4.61 -2.31 0.22
CA LEU A 45 -4.35 -3.32 -0.78
C LEU A 45 -5.14 -2.86 -1.98
N THR A 46 -4.51 -2.78 -3.15
CA THR A 46 -5.27 -2.52 -4.38
C THR A 46 -4.99 -3.69 -5.32
N ILE A 47 -6.03 -4.12 -6.03
CA ILE A 47 -5.88 -5.21 -6.98
C ILE A 47 -6.35 -4.72 -8.33
N TYR A 48 -5.74 -5.26 -9.38
CA TYR A 48 -6.08 -4.87 -10.74
C TYR A 48 -7.52 -5.29 -11.09
N ASP A 49 -8.30 -4.35 -11.66
CA ASP A 49 -9.64 -4.58 -12.24
C ASP A 49 -9.58 -4.49 -13.77
N PRO A 50 -9.81 -5.62 -14.46
CA PRO A 50 -9.66 -5.63 -15.93
C PRO A 50 -10.64 -4.67 -16.63
N SER A 51 -11.79 -4.55 -16.01
CA SER A 51 -12.89 -3.82 -16.60
C SER A 51 -12.61 -2.32 -16.72
N THR A 52 -11.93 -1.77 -15.70
CA THR A 52 -11.64 -0.33 -15.65
C THR A 52 -10.18 -0.07 -15.90
N ASP A 53 -9.42 -1.16 -16.04
CA ASP A 53 -7.96 -1.13 -16.24
C ASP A 53 -7.23 -0.24 -15.22
N GLN A 54 -7.57 -0.43 -13.96
CA GLN A 54 -6.94 0.31 -12.89
C GLN A 54 -6.83 -0.69 -11.77
N ILE A 55 -5.88 -0.47 -10.86
CA ILE A 55 -5.82 -1.27 -9.65
C ILE A 55 -6.73 -0.56 -8.69
N VAL A 56 -7.69 -1.33 -8.16
CA VAL A 56 -8.80 -0.79 -7.36
C VAL A 56 -8.69 -1.24 -5.89
N VAL A 57 -9.04 -0.35 -4.93
CA VAL A 57 -8.91 -0.68 -3.49
C VAL A 57 -9.67 -1.98 -3.17
N ARG A 58 -8.98 -2.98 -2.60
CA ARG A 58 -9.59 -4.28 -2.30
C ARG A 58 -9.97 -4.39 -0.84
N ALA A 59 -9.06 -3.99 0.04
CA ALA A 59 -9.22 -4.03 1.48
C ALA A 59 -8.39 -2.90 2.09
N THR A 60 -8.88 -2.28 3.15
CA THR A 60 -8.01 -1.39 3.90
C THR A 60 -7.98 -1.80 5.34
N SER A 61 -7.32 -0.97 6.15
CA SER A 61 -7.09 -1.25 7.57
C SER A 61 -8.21 -0.66 8.44
N SER A 62 -9.32 -0.27 7.83
CA SER A 62 -10.41 0.35 8.57
C SER A 62 -11.80 -0.33 8.28
N GLY A 63 -12.86 0.32 8.77
CA GLY A 63 -14.21 -0.22 8.70
C GLY A 63 -14.97 0.00 7.37
N LYS A 64 -14.24 0.58 6.41
CA LYS A 64 -14.83 1.12 5.21
C LYS A 64 -13.79 1.13 4.08
N PHE A 65 -14.10 0.48 2.96
CA PHE A 65 -13.27 0.46 1.73
C PHE A 65 -13.86 1.33 0.60
N PRO A 66 -13.39 2.58 0.46
CA PRO A 66 -13.84 3.29 -0.75
C PRO A 66 -13.22 2.65 -1.98
N LYS A 67 -13.99 2.46 -3.04
CA LYS A 67 -13.48 1.70 -4.18
C LYS A 67 -12.78 2.61 -5.17
N GLU A 68 -11.84 3.43 -4.68
CA GLU A 68 -10.98 4.25 -5.55
C GLU A 68 -9.96 3.39 -6.37
N GLY A 69 -9.56 3.86 -7.54
CA GLY A 69 -8.63 3.13 -8.38
C GLY A 69 -7.49 4.00 -8.87
N PHE A 70 -6.39 3.39 -9.26
CA PHE A 70 -5.27 4.10 -9.86
C PHE A 70 -4.98 3.57 -11.26
N LYS A 71 -4.80 4.48 -12.23
CA LYS A 71 -4.28 4.10 -13.54
C LYS A 71 -2.76 4.03 -13.45
N LYS A 72 -2.13 3.29 -14.37
CA LYS A 72 -0.66 3.23 -14.42
C LYS A 72 -0.06 4.62 -14.46
N GLY A 73 0.89 4.86 -13.58
CA GLY A 73 1.54 6.14 -13.50
C GLY A 73 0.82 7.21 -12.70
N GLU A 74 -0.38 6.92 -12.22
CA GLU A 74 -1.18 7.87 -11.45
C GLU A 74 -0.77 7.87 -9.99
N GLY A 75 -0.34 9.01 -9.47
CA GLY A 75 0.17 9.10 -8.12
C GLY A 75 1.29 8.09 -7.82
N ILE A 76 1.79 8.14 -6.60
CA ILE A 76 2.82 7.21 -6.13
C ILE A 76 2.41 5.74 -6.34
N THR A 77 1.18 5.43 -5.97
CA THR A 77 0.64 4.06 -6.02
C THR A 77 0.69 3.58 -7.48
N GLY A 78 0.23 4.42 -8.40
CA GLY A 78 0.25 4.12 -9.82
C GLY A 78 1.65 4.00 -10.39
N LYS A 79 2.61 4.72 -9.83
CA LYS A 79 4.02 4.60 -10.33
C LYS A 79 4.68 3.31 -9.90
N VAL A 80 4.47 2.91 -8.64
CA VAL A 80 4.86 1.58 -8.18
C VAL A 80 4.26 0.49 -9.08
N TRP A 81 3.00 0.67 -9.50
CA TRP A 81 2.35 -0.28 -10.40
C TRP A 81 3.03 -0.30 -11.79
N LYS A 82 3.24 0.90 -12.37
CA LYS A 82 3.86 1.05 -13.69
C LYS A 82 5.30 0.54 -13.77
N HIS A 83 6.13 0.93 -12.80
CA HIS A 83 7.59 0.62 -12.80
C HIS A 83 8.00 -0.62 -11.95
N GLY A 84 7.03 -1.33 -11.37
CA GLY A 84 7.28 -2.50 -10.52
C GLY A 84 8.41 -2.43 -9.47
N VAL A 85 8.60 -1.23 -8.90
CA VAL A 85 9.64 -1.00 -7.90
C VAL A 85 9.08 -0.21 -6.72
N PRO A 86 9.43 -0.60 -5.47
CA PRO A 86 8.84 0.12 -4.31
C PRO A 86 9.27 1.60 -4.31
N ILE A 87 8.45 2.47 -3.69
CA ILE A 87 8.77 3.89 -3.52
C ILE A 87 8.56 4.30 -2.09
N VAL A 88 9.54 4.92 -1.47
CA VAL A 88 9.41 5.39 -0.09
C VAL A 88 9.27 6.89 -0.16
N ILE A 89 8.24 7.42 0.51
CA ILE A 89 8.10 8.87 0.69
C ILE A 89 8.47 9.20 2.15
N PRO A 90 9.62 9.79 2.37
CA PRO A 90 9.94 9.97 3.80
C PRO A 90 8.98 10.91 4.55
N ASP A 91 8.47 11.94 3.88
CA ASP A 91 7.49 12.83 4.46
C ASP A 91 6.49 13.21 3.39
N ILE A 92 5.27 12.80 3.62
CA ILE A 92 4.19 12.99 2.68
C ILE A 92 3.85 14.47 2.40
N SER A 93 3.98 15.32 3.41
CA SER A 93 3.83 16.78 3.25
C SER A 93 4.79 17.38 2.21
N GLN A 94 5.89 16.67 1.92
CA GLN A 94 6.98 17.20 1.12
C GLN A 94 7.05 16.56 -0.28
N GLU A 95 6.04 15.79 -0.68
CA GLU A 95 5.98 15.27 -2.04
C GLU A 95 4.60 15.54 -2.67
N PRO A 96 4.56 16.45 -3.65
CA PRO A 96 3.32 16.80 -4.38
C PRO A 96 2.82 15.75 -5.36
N GLU A 97 3.62 14.75 -5.64
CA GLU A 97 3.13 13.67 -6.49
C GLU A 97 2.21 12.73 -5.68
N PHE A 98 2.15 12.99 -4.38
CA PHE A 98 1.34 12.22 -3.45
C PHE A 98 -0.09 12.77 -3.49
N LEU A 99 -0.98 11.94 -4.01
CA LEU A 99 -2.34 12.34 -4.28
C LEU A 99 -3.30 12.37 -3.05
N ASN A 100 -3.09 11.49 -2.06
CA ASN A 100 -3.95 11.49 -0.88
C ASN A 100 -5.41 11.14 -1.29
N LYS A 101 -5.54 10.19 -2.21
CA LYS A 101 -6.77 9.86 -2.91
C LYS A 101 -7.76 8.99 -2.09
N VAL A 102 -7.23 8.00 -1.38
CA VAL A 102 -8.08 7.08 -0.66
C VAL A 102 -8.43 7.53 0.77
N TRP A 103 -7.52 8.17 1.45
CA TRP A 103 -7.67 8.36 2.87
C TRP A 103 -7.97 9.80 3.22
N LYS A 104 -7.76 10.68 2.23
CA LYS A 104 -7.92 12.11 2.48
C LYS A 104 -7.58 12.45 3.95
N ARG A 105 -6.28 12.47 4.27
CA ARG A 105 -5.77 12.69 5.63
C ARG A 105 -5.70 14.19 5.89
N LYS A 106 -5.56 14.61 7.14
CA LYS A 106 -5.26 16.02 7.37
C LYS A 106 -4.41 16.30 8.61
N LYS A 107 -3.47 17.24 8.47
CA LYS A 107 -2.64 17.73 9.57
C LYS A 107 -1.40 16.86 9.84
N LYS A 110 1.72 15.66 11.76
CA LYS A 110 3.09 15.24 12.07
C LYS A 110 3.86 14.73 10.84
N LYS A 111 5.05 14.17 11.11
CA LYS A 111 5.99 13.81 10.05
C LYS A 111 5.78 12.37 9.59
N ILE A 112 4.84 12.18 8.65
CA ILE A 112 4.42 10.84 8.30
C ILE A 112 5.02 10.37 6.98
N ALA A 113 5.48 9.12 7.02
CA ALA A 113 6.09 8.44 5.87
C ALA A 113 5.14 7.51 5.16
N PHE A 114 5.44 7.24 3.90
CA PHE A 114 4.57 6.40 3.10
C PHE A 114 5.37 5.41 2.32
N ILE A 115 4.90 4.18 2.27
CA ILE A 115 5.64 3.13 1.61
C ILE A 115 4.66 2.33 0.80
N ALA A 116 5.02 2.08 -0.45
CA ALA A 116 4.15 1.38 -1.38
C ALA A 116 4.97 0.30 -2.08
N VAL A 117 4.57 -0.95 -1.94
CA VAL A 117 5.33 -2.04 -2.58
C VAL A 117 4.46 -2.70 -3.63
N PRO A 118 5.10 -3.23 -4.69
CA PRO A 118 4.40 -3.99 -5.74
C PRO A 118 3.95 -5.40 -5.24
N ILE A 119 2.81 -5.92 -5.74
CA ILE A 119 2.37 -7.29 -5.43
C ILE A 119 2.56 -8.03 -6.75
N LYS A 120 3.49 -8.99 -6.79
CA LYS A 120 3.83 -9.70 -8.05
C LYS A 120 3.32 -11.14 -8.00
N SER A 121 2.64 -11.57 -9.07
CA SER A 121 2.15 -12.94 -9.22
C SER A 121 2.03 -13.24 -10.73
N GLY A 122 2.42 -14.45 -11.13
CA GLY A 122 2.47 -14.81 -12.53
C GLY A 122 3.55 -13.97 -13.17
N GLY A 123 4.53 -13.61 -12.33
CA GLY A 123 5.62 -12.76 -12.78
C GLY A 123 5.15 -11.44 -13.38
N LYS A 124 3.99 -10.96 -12.94
CA LYS A 124 3.51 -9.63 -13.33
C LYS A 124 2.98 -8.88 -12.12
N VAL A 125 2.86 -7.57 -12.20
CA VAL A 125 2.32 -6.79 -11.06
C VAL A 125 0.79 -6.72 -11.04
N ILE A 126 0.20 -7.46 -10.10
CA ILE A 126 -1.24 -7.69 -10.04
C ILE A 126 -1.91 -6.57 -9.22
N GLY A 127 -1.08 -5.80 -8.53
CA GLY A 127 -1.56 -4.71 -7.68
C GLY A 127 -0.49 -4.19 -6.74
N VAL A 128 -0.92 -3.51 -5.67
CA VAL A 128 -0.07 -2.74 -4.78
C VAL A 128 -0.52 -2.69 -3.31
N LEU A 129 0.43 -2.97 -2.43
CA LEU A 129 0.27 -2.78 -1.01
C LEU A 129 0.96 -1.49 -0.53
N SER A 130 0.34 -0.76 0.40
CA SER A 130 0.94 0.43 0.99
C SER A 130 0.50 0.61 2.44
N ALA A 131 1.16 1.57 3.11
CA ALA A 131 1.03 1.78 4.55
C ALA A 131 1.66 3.11 4.93
N ASP A 132 1.18 3.75 5.99
CA ASP A 132 1.81 4.97 6.54
C ASP A 132 2.63 4.51 7.72
N LYS A 133 3.53 5.38 8.17
CA LYS A 133 4.39 5.05 9.33
C LYS A 133 5.01 6.33 9.87
N GLU A 134 4.79 6.59 11.16
CA GLU A 134 5.47 7.75 11.79
C GLU A 134 6.81 7.22 12.14
N ILE A 135 7.86 7.84 11.62
CA ILE A 135 9.16 7.19 11.66
C ILE A 135 9.96 7.47 12.96
N ASN A 136 10.37 6.39 13.62
CA ASN A 136 11.21 6.47 14.81
C ASN A 136 12.68 6.62 14.47
N GLU A 137 13.34 7.49 15.20
CA GLU A 137 14.75 7.75 14.98
C GLU A 137 15.52 6.44 14.85
N LYS A 138 15.15 5.43 15.65
CA LYS A 138 15.93 4.21 15.71
C LYS A 138 15.53 3.14 14.66
N ASP A 139 14.51 3.46 13.86
CA ASP A 139 14.06 2.57 12.79
C ASP A 139 14.45 3.11 11.43
N SER A 140 14.54 2.21 10.45
CA SER A 140 14.78 2.61 9.08
C SER A 140 13.69 2.21 8.09
N LEU A 141 13.40 3.10 7.16
CA LEU A 141 12.35 2.84 6.18
C LEU A 141 12.74 1.79 5.14
N ASP A 142 14.04 1.55 4.95
CA ASP A 142 14.48 0.46 4.11
C ASP A 142 14.02 -0.87 4.73
N GLU A 143 14.12 -0.96 6.05
CA GLU A 143 13.76 -2.20 6.70
C GLU A 143 12.23 -2.39 6.63
N TYR A 144 11.48 -1.31 6.80
CA TYR A 144 10.04 -1.41 6.73
C TYR A 144 9.61 -1.83 5.34
N THR A 145 10.25 -1.20 4.35
CA THR A 145 9.93 -1.47 2.96
C THR A 145 10.16 -2.95 2.60
N ARG A 146 11.28 -3.48 3.07
CA ARG A 146 11.62 -4.88 2.83
C ARG A 146 10.62 -5.79 3.54
N PHE A 147 10.23 -5.44 4.75
CA PHE A 147 9.18 -6.15 5.46
C PHE A 147 7.85 -6.21 4.69
N LEU A 148 7.32 -5.03 4.36
CA LEU A 148 6.11 -4.99 3.57
C LEU A 148 6.24 -5.80 2.27
N SER A 149 7.41 -5.80 1.63
CA SER A 149 7.58 -6.63 0.42
C SER A 149 7.42 -8.12 0.74
N MET A 150 7.75 -8.45 1.97
CA MET A 150 7.57 -9.77 2.52
C MET A 150 6.07 -10.06 2.75
N ILE A 151 5.36 -9.11 3.34
CA ILE A 151 3.93 -9.25 3.46
C ILE A 151 3.26 -9.31 2.08
N ALA A 152 3.73 -8.50 1.12
CA ALA A 152 3.15 -8.52 -0.23
C ALA A 152 3.25 -9.95 -0.80
N THR A 153 4.37 -10.60 -0.55
CA THR A 153 4.58 -12.00 -0.93
C THR A 153 3.48 -12.89 -0.37
N LEU A 154 3.21 -12.74 0.92
CA LEU A 154 2.23 -13.57 1.60
C LEU A 154 0.84 -13.39 1.02
N ILE A 155 0.60 -12.21 0.45
CA ILE A 155 -0.72 -11.87 -0.07
C ILE A 155 -0.86 -12.45 -1.46
N ALA A 156 0.17 -12.27 -2.30
CA ALA A 156 0.16 -12.87 -3.63
C ALA A 156 -0.09 -14.39 -3.60
N ASN A 157 0.15 -15.00 -2.44
CA ASN A 157 -0.03 -16.45 -2.29
C ASN A 157 -1.52 -16.80 -2.23
N SER A 158 -2.28 -16.03 -1.45
CA SER A 158 -3.76 -16.01 -1.51
C SER A 158 -4.24 -15.95 -2.95
N PHE A 159 -3.57 -15.13 -3.74
CA PHE A 159 -3.93 -14.89 -5.10
C PHE A 159 -3.55 -16.04 -6.03
N SER A 160 -3.84 -17.26 -5.59
CA SER A 160 -3.44 -18.46 -6.33
C SER A 160 -3.75 -19.72 -5.51
#